data_3KRS
#
_entry.id   3KRS
#
_cell.length_a   53.560
_cell.length_b   71.930
_cell.length_c   75.830
_cell.angle_alpha   90.00
_cell.angle_beta   106.47
_cell.angle_gamma   90.00
#
_symmetry.space_group_name_H-M   'P 1 21 1'
#
loop_
_entity.id
_entity.type
_entity.pdbx_description
1 polymer 'Triosephosphate isomerase'
2 non-polymer 'SODIUM ION'
3 non-polymer 'UNKNOWN ATOM OR ION'
4 water water
#
_entity_poly.entity_id   1
_entity_poly.type   'polypeptide(L)'
_entity_poly.pdbx_seq_one_letter_code
;MAHHHHHHMGTLEAQTQGPGSMSRKYFVGGNFKCNGTKESLKTLIDSFKQVESSNSEVYVFPTSLHISLVKEFFGNDHPG
VFKIGSQNISCTGNGAFTGEVSCEMLKDMDVDCSLVGHSERRQYYSETDQIVNNKVKKGLENGLKIVLCIGESLSERETG
KTNDVIQKQLTEALKDVSDLSNLVIAYEPIWAIGTGVVATPGQAQEAHAFIREYVTRMYNPQVSSNLRIIYGGSVTPDNC
NELIKCADIDGFLVGGASLKPTFAKIIESAQ
;
_entity_poly.pdbx_strand_id   A,B
#
loop_
_chem_comp.id
_chem_comp.type
_chem_comp.name
_chem_comp.formula
NA non-polymer 'SODIUM ION' 'Na 1'
UNX non-polymer 'UNKNOWN ATOM OR ION' ?
#
# COMPACT_ATOMS: atom_id res chain seq x y z
N SER A 23 -14.12 2.21 33.70
CA SER A 23 -12.95 3.02 33.24
C SER A 23 -12.50 2.50 31.88
N ARG A 24 -11.88 3.38 31.08
CA ARG A 24 -11.53 3.00 29.71
C ARG A 24 -10.40 1.97 29.71
N LYS A 25 -10.51 0.98 28.83
CA LYS A 25 -9.42 0.03 28.67
C LYS A 25 -8.34 0.74 27.89
N TYR A 26 -7.13 0.70 28.39
CA TYR A 26 -6.02 1.28 27.65
C TYR A 26 -5.67 0.54 26.35
N PHE A 27 -4.99 1.25 25.45
CA PHE A 27 -4.69 0.75 24.12
C PHE A 27 -3.23 1.10 23.81
N VAL A 28 -2.40 0.10 23.54
CA VAL A 28 -1.01 0.32 23.20
C VAL A 28 -0.78 -0.28 21.81
N GLY A 29 -0.49 0.60 20.85
CA GLY A 29 -0.19 0.23 19.47
C GLY A 29 1.25 0.49 19.10
N GLY A 30 1.81 -0.40 18.27
CA GLY A 30 3.18 -0.29 17.79
C GLY A 30 3.17 -0.20 16.28
N ASN A 31 3.31 1.01 15.75
CA ASN A 31 3.39 1.24 14.30
C ASN A 31 4.80 1.01 13.78
N PHE A 32 5.00 -0.10 13.05
CA PHE A 32 6.31 -0.42 12.49
C PHE A 32 6.71 0.52 11.37
N LYS A 33 5.74 1.23 10.80
CA LYS A 33 5.94 2.05 9.59
C LYS A 33 6.57 1.22 8.47
N CYS A 34 7.41 1.84 7.63
CA CYS A 34 8.02 1.13 6.54
C CYS A 34 9.38 0.58 6.97
N ASN A 35 9.33 -0.44 7.82
CA ASN A 35 10.50 -1.09 8.38
C ASN A 35 10.24 -2.56 8.59
N GLY A 36 11.31 -3.33 8.55
CA GLY A 36 11.26 -4.75 8.86
C GLY A 36 11.83 -5.59 7.75
N THR A 37 12.51 -6.68 8.13
CA THR A 37 12.85 -7.79 7.25
C THR A 37 12.33 -9.08 7.87
N LYS A 38 12.35 -10.15 7.10
CA LYS A 38 11.93 -11.44 7.61
C LYS A 38 12.73 -11.80 8.86
N GLU A 39 14.04 -11.61 8.79
CA GLU A 39 14.94 -11.94 9.89
C GLU A 39 14.71 -11.05 11.11
N SER A 40 14.61 -9.73 10.91
CA SER A 40 14.45 -8.84 12.06
C SER A 40 13.10 -9.03 12.73
N LEU A 41 12.06 -9.23 11.93
CA LEU A 41 10.73 -9.46 12.50
C LEU A 41 10.65 -10.81 13.21
N LYS A 42 11.32 -11.83 12.69
CA LYS A 42 11.34 -13.11 13.41
C LYS A 42 11.89 -12.95 14.84
N THR A 43 13.01 -12.24 14.96
CA THR A 43 13.64 -11.99 16.23
C THR A 43 12.74 -11.16 17.15
N LEU A 44 12.14 -10.12 16.59
CA LEU A 44 11.32 -9.24 17.37
C LEU A 44 10.08 -9.96 17.90
N ILE A 45 9.40 -10.71 17.05
CA ILE A 45 8.16 -11.38 17.45
C ILE A 45 8.45 -12.47 18.48
N ASP A 46 9.60 -13.13 18.35
CA ASP A 46 10.03 -14.10 19.37
C ASP A 46 10.11 -13.43 20.76
N SER A 47 10.57 -12.19 20.81
CA SER A 47 10.59 -11.42 22.06
CA SER A 47 10.59 -11.42 22.07
C SER A 47 9.17 -11.09 22.52
N PHE A 48 8.35 -10.58 21.62
CA PHE A 48 6.97 -10.22 21.97
C PHE A 48 6.13 -11.40 22.51
N LYS A 49 6.43 -12.62 22.05
CA LYS A 49 5.76 -13.84 22.54
C LYS A 49 6.08 -14.13 23.99
N GLN A 50 7.11 -13.49 24.53
CA GLN A 50 7.47 -13.66 25.95
C GLN A 50 6.59 -12.80 26.86
N VAL A 51 5.84 -11.85 26.30
CA VAL A 51 5.00 -11.00 27.13
C VAL A 51 3.81 -11.82 27.60
N GLU A 52 3.69 -11.99 28.92
CA GLU A 52 2.79 -12.99 29.49
C GLU A 52 1.34 -12.53 29.61
N SER A 53 1.11 -11.26 29.91
CA SER A 53 -0.26 -10.77 30.04
C SER A 53 -0.29 -9.25 29.95
N SER A 54 -1.49 -8.72 29.73
CA SER A 54 -1.73 -7.30 29.65
C SER A 54 -3.21 -7.03 29.90
N ASN A 55 -3.46 -6.03 30.74
CA ASN A 55 -4.78 -5.43 30.95
C ASN A 55 -5.19 -4.45 29.85
N SER A 56 -4.27 -4.18 28.92
CA SER A 56 -4.48 -3.24 27.82
CA SER A 56 -4.48 -3.23 27.85
C SER A 56 -4.69 -4.01 26.54
N GLU A 57 -5.34 -3.37 25.58
CA GLU A 57 -5.27 -3.87 24.22
C GLU A 57 -3.86 -3.62 23.70
N VAL A 58 -3.34 -4.57 22.93
CA VAL A 58 -1.99 -4.47 22.37
C VAL A 58 -2.06 -4.84 20.89
N TYR A 59 -1.69 -3.88 20.03
CA TYR A 59 -1.62 -4.11 18.59
C TYR A 59 -0.23 -3.74 18.07
N VAL A 60 0.26 -4.52 17.12
CA VAL A 60 1.39 -4.12 16.27
C VAL A 60 0.87 -3.99 14.86
N PHE A 61 1.44 -3.04 14.10
CA PHE A 61 0.98 -2.69 12.75
C PHE A 61 2.15 -2.87 11.82
N PRO A 62 2.35 -4.08 11.31
CA PRO A 62 3.40 -4.30 10.31
C PRO A 62 2.99 -3.74 8.96
N THR A 63 3.91 -3.73 8.01
CA THR A 63 3.54 -3.39 6.64
C THR A 63 2.62 -4.46 6.07
N SER A 64 1.85 -4.10 5.06
CA SER A 64 0.98 -5.08 4.43
C SER A 64 1.74 -6.31 3.93
N LEU A 65 2.97 -6.11 3.44
CA LEU A 65 3.83 -7.20 2.95
C LEU A 65 4.16 -8.22 4.06
N HIS A 66 4.16 -7.75 5.31
CA HIS A 66 4.58 -8.55 6.46
C HIS A 66 3.50 -9.08 7.37
N ILE A 67 2.24 -8.73 7.11
CA ILE A 67 1.15 -9.14 8.01
C ILE A 67 1.04 -10.65 8.14
N SER A 68 0.99 -11.38 7.05
CA SER A 68 0.85 -12.85 7.15
CA SER A 68 0.89 -12.85 7.09
C SER A 68 2.09 -13.50 7.79
N LEU A 69 3.30 -12.98 7.49
CA LEU A 69 4.54 -13.48 8.11
C LEU A 69 4.54 -13.29 9.61
N VAL A 70 4.10 -12.11 10.04
CA VAL A 70 4.08 -11.80 11.45
C VAL A 70 3.07 -12.69 12.16
N LYS A 71 1.92 -12.95 11.56
CA LYS A 71 0.95 -13.92 12.10
C LYS A 71 1.57 -15.32 12.22
N GLU A 72 2.32 -15.73 11.21
CA GLU A 72 2.97 -17.03 11.24
C GLU A 72 4.01 -17.08 12.37
N PHE A 73 4.77 -16.01 12.54
CA PHE A 73 5.80 -15.97 13.58
C PHE A 73 5.16 -16.09 14.99
N PHE A 74 4.06 -15.40 15.21
CA PHE A 74 3.32 -15.53 16.47
C PHE A 74 2.82 -16.96 16.62
N GLY A 75 2.28 -17.52 15.55
CA GLY A 75 1.75 -18.88 15.57
C GLY A 75 0.64 -18.99 16.60
N ASN A 76 0.58 -20.16 17.26
CA ASN A 76 -0.37 -20.36 18.38
C ASN A 76 0.29 -20.51 19.75
N ASP A 77 1.62 -20.49 19.79
CA ASP A 77 2.33 -20.73 21.05
C ASP A 77 2.63 -19.40 21.74
N HIS A 78 1.56 -18.64 21.97
CA HIS A 78 1.67 -17.34 22.63
C HIS A 78 0.43 -17.01 23.48
N PRO A 79 0.58 -16.06 24.42
CA PRO A 79 -0.45 -15.71 25.41
C PRO A 79 -1.72 -14.99 24.93
N GLY A 80 -1.76 -14.57 23.67
CA GLY A 80 -2.91 -13.84 23.17
C GLY A 80 -2.95 -12.38 23.62
N VAL A 81 -1.77 -11.84 23.94
CA VAL A 81 -1.66 -10.43 24.34
C VAL A 81 -1.67 -9.54 23.09
N PHE A 82 -0.91 -9.94 22.08
CA PHE A 82 -0.75 -9.16 20.84
C PHE A 82 -1.79 -9.49 19.77
N LYS A 83 -2.36 -8.45 19.14
CA LYS A 83 -3.09 -8.55 17.90
C LYS A 83 -2.36 -7.73 16.78
N ILE A 84 -2.77 -8.00 15.54
CA ILE A 84 -2.16 -7.41 14.35
CA ILE A 84 -2.16 -7.42 14.35
C ILE A 84 -3.13 -6.45 13.70
N GLY A 85 -2.62 -5.28 13.33
CA GLY A 85 -3.41 -4.27 12.63
C GLY A 85 -2.73 -3.83 11.36
N SER A 86 -3.46 -3.13 10.51
CA SER A 86 -2.96 -2.57 9.27
CA SER A 86 -2.88 -2.59 9.29
C SER A 86 -2.57 -1.11 9.44
N GLN A 87 -1.62 -0.64 8.66
CA GLN A 87 -1.21 0.76 8.68
C GLN A 87 -2.09 1.68 7.85
N ASN A 88 -2.98 1.09 7.04
CA ASN A 88 -3.82 1.82 6.10
C ASN A 88 -4.86 0.86 5.55
N ILE A 89 -5.95 1.42 5.07
CA ILE A 89 -6.97 0.70 4.34
C ILE A 89 -7.37 1.50 3.13
N SER A 90 -7.78 0.77 2.09
CA SER A 90 -8.32 1.41 0.91
CA SER A 90 -8.30 1.42 0.91
C SER A 90 -9.62 2.16 1.20
N CYS A 91 -9.86 3.21 0.43
CA CYS A 91 -11.14 3.91 0.39
C CYS A 91 -12.28 3.07 -0.18
N THR A 92 -11.94 2.06 -0.99
CA THR A 92 -12.91 1.29 -1.72
C THR A 92 -12.80 -0.20 -1.35
N GLY A 93 -13.80 -1.00 -1.74
CA GLY A 93 -13.69 -2.44 -1.64
C GLY A 93 -12.86 -3.03 -2.76
N ASN A 94 -13.01 -4.32 -2.98
CA ASN A 94 -12.21 -5.00 -3.99
C ASN A 94 -12.55 -4.51 -5.39
N GLY A 95 -11.58 -4.63 -6.30
CA GLY A 95 -11.77 -4.22 -7.66
C GLY A 95 -10.52 -3.63 -8.25
N ALA A 96 -10.74 -2.74 -9.22
CA ALA A 96 -9.65 -2.23 -10.05
C ALA A 96 -8.97 -1.04 -9.37
N PHE A 97 -8.25 -1.38 -8.30
CA PHE A 97 -7.56 -0.40 -7.45
C PHE A 97 -6.13 -0.85 -7.23
N THR A 98 -5.33 -0.79 -8.30
CA THR A 98 -3.97 -1.32 -8.29
C THR A 98 -3.19 -0.67 -7.14
N GLY A 99 -2.51 -1.51 -6.37
CA GLY A 99 -1.72 -1.08 -5.24
C GLY A 99 -2.42 -0.96 -3.90
N GLU A 100 -3.74 -1.15 -3.87
CA GLU A 100 -4.52 -0.96 -2.66
C GLU A 100 -4.90 -2.29 -2.02
N VAL A 101 -5.16 -2.24 -0.73
CA VAL A 101 -5.63 -3.39 0.08
C VAL A 101 -6.90 -2.99 0.82
N SER A 102 -7.94 -3.80 0.66
CA SER A 102 -9.27 -3.48 1.17
C SER A 102 -9.56 -4.04 2.56
N CYS A 103 -10.56 -3.45 3.23
CA CYS A 103 -11.07 -4.00 4.48
C CYS A 103 -11.45 -5.46 4.34
N GLU A 104 -12.10 -5.83 3.23
CA GLU A 104 -12.56 -7.22 3.10
CA GLU A 104 -12.57 -7.17 3.04
C GLU A 104 -11.38 -8.16 3.04
N MET A 105 -10.29 -7.74 2.43
CA MET A 105 -9.09 -8.54 2.31
CA MET A 105 -9.10 -8.58 2.34
C MET A 105 -8.46 -8.73 3.68
N LEU A 106 -8.42 -7.64 4.44
CA LEU A 106 -7.91 -7.69 5.81
C LEU A 106 -8.73 -8.64 6.68
N LYS A 107 -10.05 -8.58 6.61
CA LYS A 107 -10.90 -9.47 7.38
CA LYS A 107 -10.92 -9.48 7.36
C LYS A 107 -10.66 -10.94 6.99
N ASP A 108 -10.47 -11.21 5.72
CA ASP A 108 -10.12 -12.56 5.28
C ASP A 108 -8.82 -13.09 5.91
N MET A 109 -7.91 -12.17 6.23
CA MET A 109 -6.63 -12.41 6.85
CA MET A 109 -6.67 -12.51 6.88
C MET A 109 -6.77 -12.39 8.39
N ASP A 110 -7.98 -12.21 8.91
CA ASP A 110 -8.20 -12.10 10.36
C ASP A 110 -7.50 -10.91 10.98
N VAL A 111 -7.51 -9.80 10.26
CA VAL A 111 -7.02 -8.53 10.81
C VAL A 111 -8.25 -7.66 11.06
N ASP A 112 -8.36 -7.14 12.28
CA ASP A 112 -9.58 -6.46 12.73
C ASP A 112 -9.39 -4.99 13.12
N CYS A 113 -8.28 -4.40 12.69
CA CYS A 113 -7.93 -3.04 13.08
C CYS A 113 -7.04 -2.40 12.04
N SER A 114 -7.22 -1.10 11.82
CA SER A 114 -6.32 -0.31 10.97
C SER A 114 -6.12 1.08 11.49
N LEU A 115 -4.93 1.61 11.28
CA LEU A 115 -4.70 3.06 11.27
C LEU A 115 -5.41 3.71 10.10
N VAL A 116 -5.85 4.94 10.32
CA VAL A 116 -6.36 5.81 9.26
C VAL A 116 -5.87 7.22 9.51
N GLY A 117 -5.44 7.88 8.46
CA GLY A 117 -5.03 9.29 8.53
C GLY A 117 -3.74 9.61 9.27
N HIS A 118 -2.84 8.64 9.36
CA HIS A 118 -1.52 8.91 9.92
C HIS A 118 -0.92 10.17 9.28
N SER A 119 -0.25 10.99 10.09
CA SER A 119 0.41 12.19 9.64
C SER A 119 1.25 12.02 8.37
N GLU A 120 1.96 10.91 8.26
CA GLU A 120 2.80 10.66 7.10
C GLU A 120 1.98 10.51 5.84
N ARG A 121 0.81 9.92 5.93
CA ARG A 121 -0.07 9.82 4.75
C ARG A 121 -0.75 11.11 4.36
N ARG A 122 -1.09 11.91 5.36
CA ARG A 122 -1.65 13.21 5.14
C ARG A 122 -0.60 14.11 4.47
N GLN A 123 0.64 14.03 4.96
CA GLN A 123 1.73 14.89 4.47
C GLN A 123 2.27 14.47 3.13
N TYR A 124 2.45 13.17 2.90
CA TYR A 124 3.14 12.68 1.73
C TYR A 124 2.25 12.13 0.61
N TYR A 125 1.08 11.58 0.96
CA TYR A 125 0.28 10.80 -0.02
C TYR A 125 -1.12 11.41 -0.24
N SER A 126 -1.24 12.72 0.03
CA SER A 126 -2.41 13.52 -0.33
C SER A 126 -3.70 13.05 0.33
N GLU A 127 -3.60 12.49 1.53
CA GLU A 127 -4.79 12.15 2.29
C GLU A 127 -5.36 13.37 2.96
N THR A 128 -6.47 13.85 2.41
CA THR A 128 -7.18 15.01 2.92
C THR A 128 -8.13 14.57 4.04
N ASP A 129 -8.70 15.54 4.74
CA ASP A 129 -9.70 15.25 5.78
C ASP A 129 -10.85 14.46 5.19
N GLN A 130 -11.18 14.72 3.95
CA GLN A 130 -12.34 14.09 3.32
C GLN A 130 -12.02 12.63 2.99
N ILE A 131 -10.80 12.37 2.51
CA ILE A 131 -10.35 11.00 2.30
C ILE A 131 -10.33 10.23 3.63
N VAL A 132 -9.82 10.87 4.67
CA VAL A 132 -9.80 10.26 5.99
C VAL A 132 -11.24 9.89 6.46
N ASN A 133 -12.20 10.82 6.30
CA ASN A 133 -13.61 10.53 6.61
C ASN A 133 -14.06 9.27 5.87
N ASN A 134 -13.77 9.20 4.57
CA ASN A 134 -14.17 8.06 3.74
CA ASN A 134 -14.20 8.07 3.78
C ASN A 134 -13.59 6.77 4.31
N LYS A 135 -12.32 6.81 4.70
CA LYS A 135 -11.66 5.63 5.24
C LYS A 135 -12.21 5.24 6.63
N VAL A 136 -12.47 6.22 7.49
CA VAL A 136 -13.06 5.93 8.80
C VAL A 136 -14.41 5.23 8.59
N LYS A 137 -15.27 5.80 7.77
CA LYS A 137 -16.57 5.21 7.50
C LYS A 137 -16.45 3.81 6.91
N LYS A 138 -15.59 3.64 5.91
CA LYS A 138 -15.39 2.34 5.30
C LYS A 138 -14.94 1.29 6.33
N GLY A 139 -13.94 1.64 7.15
CA GLY A 139 -13.45 0.72 8.13
C GLY A 139 -14.49 0.34 9.14
N LEU A 140 -15.17 1.31 9.71
CA LEU A 140 -16.15 1.04 10.75
C LEU A 140 -17.30 0.18 10.17
N GLU A 141 -17.71 0.48 8.93
CA GLU A 141 -18.82 -0.27 8.29
C GLU A 141 -18.48 -1.75 8.07
N ASN A 142 -17.18 -2.03 7.91
CA ASN A 142 -16.69 -3.39 7.77
C ASN A 142 -16.28 -4.03 9.10
N GLY A 143 -16.61 -3.41 10.22
CA GLY A 143 -16.38 -4.01 11.51
C GLY A 143 -14.98 -3.89 12.05
N LEU A 144 -14.13 -3.09 11.40
CA LEU A 144 -12.77 -2.89 11.90
C LEU A 144 -12.74 -1.83 12.99
N LYS A 145 -11.84 -2.02 13.95
CA LYS A 145 -11.43 -0.99 14.87
C LYS A 145 -10.52 -0.01 14.15
N ILE A 146 -10.86 1.27 14.19
CA ILE A 146 -10.13 2.28 13.43
C ILE A 146 -9.42 3.23 14.38
N VAL A 147 -8.10 3.34 14.20
CA VAL A 147 -7.26 4.29 14.93
C VAL A 147 -7.11 5.52 14.06
N LEU A 148 -7.96 6.51 14.34
CA LEU A 148 -7.97 7.77 13.59
C LEU A 148 -6.90 8.72 14.15
N CYS A 149 -5.98 9.15 13.28
CA CYS A 149 -4.86 9.98 13.66
C CYS A 149 -5.13 11.45 13.27
N ILE A 150 -4.88 12.35 14.21
CA ILE A 150 -5.02 13.77 14.03
C ILE A 150 -3.85 14.49 14.66
N GLY A 151 -3.65 15.77 14.35
CA GLY A 151 -2.60 16.57 15.00
C GLY A 151 -2.19 17.76 14.15
N GLU A 152 -1.63 18.79 14.81
CA GLU A 152 -1.29 20.04 14.18
C GLU A 152 0.22 20.18 13.95
N SER A 153 0.59 20.93 12.93
CA SER A 153 2.00 21.21 12.59
C SER A 153 2.61 22.26 13.50
N LEU A 154 3.92 22.46 13.36
CA LEU A 154 4.62 23.47 14.16
C LEU A 154 4.11 24.87 13.80
N SER A 155 3.89 25.18 12.53
CA SER A 155 3.42 26.50 12.18
CA SER A 155 3.40 26.49 12.16
C SER A 155 2.01 26.73 12.78
N GLU A 156 1.17 25.70 12.72
CA GLU A 156 -0.17 25.76 13.31
C GLU A 156 -0.11 25.96 14.81
N ARG A 157 0.74 25.22 15.49
CA ARG A 157 0.85 25.43 16.92
C ARG A 157 1.38 26.82 17.30
N GLU A 158 2.40 27.27 16.60
CA GLU A 158 3.06 28.54 16.95
C GLU A 158 2.18 29.75 16.68
N THR A 159 1.25 29.63 15.74
CA THR A 159 0.33 30.73 15.44
C THR A 159 -1.03 30.62 16.16
N GLY A 160 -1.12 29.70 17.12
CA GLY A 160 -2.29 29.60 17.99
C GLY A 160 -3.46 28.83 17.41
N LYS A 161 -3.20 27.95 16.44
CA LYS A 161 -4.28 27.28 15.69
C LYS A 161 -4.50 25.82 16.13
N THR A 162 -3.85 25.39 17.19
CA THR A 162 -4.00 24.00 17.66
C THR A 162 -5.47 23.59 17.77
N ASN A 163 -6.26 24.37 18.49
CA ASN A 163 -7.66 24.02 18.71
C ASN A 163 -8.50 24.14 17.42
N ASP A 164 -8.26 25.15 16.60
CA ASP A 164 -8.90 25.25 15.29
C ASP A 164 -8.65 24.00 14.43
N VAL A 165 -7.39 23.55 14.42
CA VAL A 165 -7.00 22.37 13.63
C VAL A 165 -7.66 21.10 14.16
N ILE A 166 -7.64 20.89 15.47
CA ILE A 166 -8.24 19.70 16.07
C ILE A 166 -9.75 19.67 15.79
N GLN A 167 -10.41 20.82 15.93
CA GLN A 167 -11.84 20.91 15.65
C GLN A 167 -12.16 20.57 14.20
N LYS A 168 -11.38 21.13 13.29
CA LYS A 168 -11.59 20.88 11.86
CA LYS A 168 -11.58 20.88 11.87
C LYS A 168 -11.38 19.40 11.53
N GLN A 169 -10.28 18.84 12.02
CA GLN A 169 -9.93 17.46 11.71
C GLN A 169 -10.97 16.49 12.25
N LEU A 170 -11.49 16.77 13.45
CA LEU A 170 -12.52 15.91 14.03
C LEU A 170 -13.86 16.07 13.32
N THR A 171 -14.23 17.32 13.03
CA THR A 171 -15.49 17.60 12.37
C THR A 171 -15.53 16.85 11.03
N GLU A 172 -14.43 16.92 10.27
CA GLU A 172 -14.41 16.31 8.97
C GLU A 172 -14.20 14.82 9.01
N ALA A 173 -13.28 14.33 9.85
CA ALA A 173 -13.02 12.89 9.90
C ALA A 173 -14.21 12.08 10.40
N LEU A 174 -15.02 12.67 11.29
CA LEU A 174 -16.13 11.97 11.91
C LEU A 174 -17.50 12.39 11.37
N LYS A 175 -17.47 13.02 10.19
CA LYS A 175 -18.70 13.47 9.52
C LYS A 175 -19.58 12.24 9.20
N ASP A 176 -20.80 12.25 9.71
CA ASP A 176 -21.77 11.16 9.56
C ASP A 176 -21.30 9.84 10.18
N VAL A 177 -20.40 9.93 11.17
CA VAL A 177 -19.95 8.78 11.94
C VAL A 177 -20.70 8.77 13.27
N SER A 178 -21.70 7.89 13.39
CA SER A 178 -22.65 7.96 14.51
C SER A 178 -22.18 7.22 15.77
N ASP A 179 -21.40 6.15 15.58
CA ASP A 179 -21.04 5.16 16.63
C ASP A 179 -19.51 5.14 16.77
N LEU A 180 -19.02 5.43 17.95
CA LEU A 180 -17.57 5.52 18.17
C LEU A 180 -17.06 4.30 18.94
N SER A 181 -17.89 3.27 19.06
CA SER A 181 -17.50 2.11 19.87
C SER A 181 -16.23 1.42 19.35
N ASN A 182 -16.04 1.42 18.03
CA ASN A 182 -14.86 0.82 17.38
C ASN A 182 -13.83 1.87 16.93
N LEU A 183 -13.91 3.08 17.46
CA LEU A 183 -12.93 4.14 17.14
C LEU A 183 -11.95 4.30 18.30
N VAL A 184 -10.71 4.62 17.97
CA VAL A 184 -9.71 5.14 18.91
C VAL A 184 -9.10 6.37 18.23
N ILE A 185 -8.78 7.43 18.97
CA ILE A 185 -8.13 8.59 18.39
C ILE A 185 -6.71 8.63 18.87
N ALA A 186 -5.79 8.82 17.92
CA ALA A 186 -4.38 9.04 18.24
C ALA A 186 -4.03 10.49 17.95
N TYR A 187 -3.54 11.19 18.97
CA TYR A 187 -3.04 12.58 18.83
C TYR A 187 -1.55 12.53 18.50
N GLU A 188 -1.19 13.06 17.33
CA GLU A 188 0.18 13.19 16.89
C GLU A 188 0.61 14.64 16.97
N PRO A 189 1.52 14.96 17.91
CA PRO A 189 2.07 16.29 18.03
C PRO A 189 3.09 16.49 16.91
N ILE A 190 2.60 16.70 15.70
CA ILE A 190 3.47 16.82 14.52
C ILE A 190 4.51 17.92 14.73
N TRP A 191 4.08 18.98 15.38
CA TRP A 191 4.94 20.07 15.78
C TRP A 191 6.17 19.71 16.58
N ALA A 192 6.15 18.53 17.21
CA ALA A 192 7.17 18.07 18.11
C ALA A 192 7.87 16.83 17.59
N ILE A 193 7.73 16.59 16.30
CA ILE A 193 8.33 15.40 15.69
C ILE A 193 9.25 15.85 14.55
N GLY A 194 10.56 15.72 14.76
CA GLY A 194 11.52 16.09 13.72
C GLY A 194 11.77 17.59 13.55
N THR A 195 11.26 18.40 14.46
CA THR A 195 11.34 19.87 14.36
C THR A 195 12.38 20.48 15.30
N GLY A 196 12.93 19.66 16.20
CA GLY A 196 13.77 20.20 17.30
C GLY A 196 12.95 20.66 18.52
N VAL A 197 11.63 20.76 18.38
CA VAL A 197 10.74 21.15 19.47
C VAL A 197 10.23 19.89 20.16
N VAL A 198 10.07 19.96 21.47
CA VAL A 198 9.79 18.79 22.29
C VAL A 198 8.50 19.04 23.08
N ALA A 199 7.63 18.04 23.07
CA ALA A 199 6.35 18.05 23.80
C ALA A 199 6.54 17.52 25.22
N THR A 200 6.07 18.27 26.19
CA THR A 200 6.05 17.80 27.57
C THR A 200 4.79 16.98 27.80
N PRO A 201 4.76 16.13 28.83
CA PRO A 201 3.55 15.41 29.17
C PRO A 201 2.37 16.34 29.44
N GLY A 202 2.65 17.49 30.06
CA GLY A 202 1.60 18.50 30.30
C GLY A 202 0.92 19.05 29.04
N GLN A 203 1.74 19.31 28.02
CA GLN A 203 1.24 19.70 26.73
C GLN A 203 0.45 18.59 26.05
N ALA A 204 0.91 17.35 26.18
CA ALA A 204 0.17 16.22 25.63
C ALA A 204 -1.18 16.11 26.29
N GLN A 205 -1.20 16.17 27.61
CA GLN A 205 -2.42 16.12 28.40
C GLN A 205 -3.39 17.22 28.00
N GLU A 206 -2.88 18.44 27.85
CA GLU A 206 -3.70 19.56 27.45
C GLU A 206 -4.38 19.32 26.08
N ALA A 207 -3.62 18.82 25.12
CA ALA A 207 -4.19 18.46 23.81
C ALA A 207 -5.24 17.33 23.91
N HIS A 208 -4.92 16.26 24.65
CA HIS A 208 -5.89 15.17 24.85
C HIS A 208 -7.19 15.66 25.53
N ALA A 209 -7.05 16.53 26.55
CA ALA A 209 -8.23 17.06 27.24
C ALA A 209 -9.10 17.86 26.28
N PHE A 210 -8.46 18.63 25.41
CA PHE A 210 -9.19 19.42 24.43
C PHE A 210 -9.89 18.54 23.41
N ILE A 211 -9.22 17.49 22.93
CA ILE A 211 -9.86 16.56 22.02
C ILE A 211 -11.10 15.96 22.67
N ARG A 212 -10.95 15.51 23.91
CA ARG A 212 -12.09 14.90 24.60
C ARG A 212 -13.26 15.91 24.76
N GLU A 213 -12.91 17.15 25.11
CA GLU A 213 -13.89 18.24 25.25
C GLU A 213 -14.63 18.49 23.93
N TYR A 214 -13.92 18.48 22.81
CA TYR A 214 -14.61 18.67 21.53
C TYR A 214 -15.48 17.49 21.16
N VAL A 215 -15.02 16.27 21.43
CA VAL A 215 -15.84 15.09 21.20
C VAL A 215 -17.14 15.16 22.04
N THR A 216 -17.07 15.73 23.23
CA THR A 216 -18.26 15.94 24.07
C THR A 216 -19.25 16.84 23.33
N ARG A 217 -18.75 17.91 22.72
CA ARG A 217 -19.59 18.84 21.95
C ARG A 217 -20.20 18.21 20.70
N MET A 218 -19.41 17.41 20.00
CA MET A 218 -19.84 16.79 18.74
C MET A 218 -20.83 15.65 19.01
N TYR A 219 -20.63 14.98 20.14
CA TYR A 219 -21.42 13.81 20.58
C TYR A 219 -22.03 14.15 21.93
N ASN A 220 -21.50 13.59 23.01
CA ASN A 220 -22.04 13.84 24.33
C ASN A 220 -20.99 13.34 25.34
N PRO A 221 -21.16 13.65 26.64
CA PRO A 221 -20.16 13.27 27.63
C PRO A 221 -20.02 11.76 27.84
N GLN A 222 -21.10 11.02 27.62
CA GLN A 222 -21.02 9.55 27.74
C GLN A 222 -20.04 9.03 26.67
N VAL A 223 -20.24 9.48 25.45
CA VAL A 223 -19.43 9.02 24.34
C VAL A 223 -17.97 9.44 24.56
N SER A 224 -17.73 10.70 24.87
CA SER A 224 -16.33 11.14 25.08
C SER A 224 -15.64 10.43 26.25
N SER A 225 -16.41 10.12 27.29
CA SER A 225 -15.84 9.42 28.45
C SER A 225 -15.45 7.97 28.14
N ASN A 226 -16.02 7.41 27.08
CA ASN A 226 -15.71 6.03 26.68
C ASN A 226 -14.65 5.91 25.58
N LEU A 227 -14.32 7.04 24.96
CA LEU A 227 -13.42 7.08 23.81
C LEU A 227 -11.96 7.07 24.25
N ARG A 228 -11.20 6.08 23.81
CA ARG A 228 -9.75 6.09 24.05
C ARG A 228 -9.07 7.11 23.15
N ILE A 229 -8.24 7.95 23.79
CA ILE A 229 -7.42 8.93 23.09
C ILE A 229 -5.99 8.58 23.47
N ILE A 230 -5.22 8.11 22.48
CA ILE A 230 -3.88 7.57 22.70
C ILE A 230 -2.87 8.61 22.15
N TYR A 231 -1.71 8.67 22.79
CA TYR A 231 -0.68 9.64 22.48
C TYR A 231 0.26 9.06 21.42
N GLY A 232 0.39 9.78 20.32
CA GLY A 232 1.20 9.39 19.16
C GLY A 232 2.43 10.24 18.91
N GLY A 233 2.89 10.97 19.94
CA GLY A 233 4.25 11.54 19.90
C GLY A 233 5.34 10.54 20.23
N SER A 234 6.49 11.09 20.62
CA SER A 234 7.67 10.28 20.99
CA SER A 234 7.65 10.28 20.95
C SER A 234 7.41 9.52 22.26
N VAL A 235 7.38 8.19 22.16
CA VAL A 235 7.20 7.35 23.35
C VAL A 235 8.33 6.32 23.38
N THR A 236 9.00 6.23 24.54
CA THR A 236 10.08 5.28 24.77
C THR A 236 9.86 4.68 26.16
N PRO A 237 10.67 3.65 26.51
CA PRO A 237 10.63 3.16 27.88
C PRO A 237 10.90 4.24 28.98
N ASP A 238 11.57 5.32 28.60
CA ASP A 238 11.98 6.34 29.55
C ASP A 238 10.85 7.31 29.89
N ASN A 239 9.86 7.50 29.01
CA ASN A 239 8.80 8.48 29.30
C ASN A 239 7.37 7.93 29.41
N CYS A 240 7.18 6.64 29.10
CA CYS A 240 5.82 6.10 29.00
C CYS A 240 5.11 6.11 30.34
N ASN A 241 5.84 5.81 31.42
CA ASN A 241 5.17 5.76 32.73
C ASN A 241 4.61 7.13 33.15
N GLU A 242 5.33 8.20 32.85
CA GLU A 242 4.84 9.53 33.15
C GLU A 242 3.63 9.90 32.30
N LEU A 243 3.72 9.67 30.98
CA LEU A 243 2.63 10.02 30.08
C LEU A 243 1.32 9.31 30.40
N ILE A 244 1.36 8.02 30.72
CA ILE A 244 0.15 7.22 30.84
C ILE A 244 -0.67 7.69 32.06
N LYS A 245 0.01 8.23 33.07
CA LYS A 245 -0.70 8.75 34.25
C LYS A 245 -1.59 9.96 33.96
N CYS A 246 -1.30 10.68 32.88
CA CYS A 246 -2.09 11.88 32.53
C CYS A 246 -3.56 11.48 32.31
N ALA A 247 -4.46 12.31 32.81
CA ALA A 247 -5.83 11.89 32.99
C ALA A 247 -6.53 11.56 31.65
N ASP A 248 -6.12 12.23 30.58
CA ASP A 248 -6.79 12.07 29.31
C ASP A 248 -5.98 11.30 28.29
N ILE A 249 -4.88 10.71 28.73
CA ILE A 249 -4.03 9.84 27.91
C ILE A 249 -4.30 8.37 28.22
N ASP A 250 -4.80 7.64 27.23
CA ASP A 250 -5.33 6.29 27.40
C ASP A 250 -4.49 5.21 26.75
N GLY A 251 -3.21 5.53 26.50
CA GLY A 251 -2.30 4.66 25.81
C GLY A 251 -1.53 5.39 24.75
N PHE A 252 -1.01 4.62 23.79
CA PHE A 252 0.06 5.08 22.93
C PHE A 252 -0.09 4.52 21.52
N LEU A 253 0.32 5.32 20.56
CA LEU A 253 0.62 4.82 19.23
C LEU A 253 2.14 5.10 19.06
N VAL A 254 2.93 4.03 19.26
CA VAL A 254 4.40 4.10 19.34
C VAL A 254 5.01 3.93 17.97
N GLY A 255 6.01 4.76 17.66
CA GLY A 255 6.80 4.62 16.42
C GLY A 255 8.00 3.68 16.59
N GLY A 256 9.23 4.22 16.50
CA GLY A 256 10.45 3.41 16.43
C GLY A 256 10.62 2.44 17.59
N ALA A 257 10.15 2.84 18.77
CA ALA A 257 10.29 2.01 19.97
C ALA A 257 9.53 0.69 19.86
N SER A 258 8.57 0.64 18.93
CA SER A 258 7.83 -0.62 18.72
C SER A 258 8.59 -1.67 17.94
N LEU A 259 9.75 -1.31 17.37
CA LEU A 259 10.59 -2.25 16.64
C LEU A 259 11.70 -2.85 17.53
N LYS A 260 11.62 -2.59 18.84
CA LYS A 260 12.60 -3.11 19.81
C LYS A 260 11.88 -3.96 20.86
N PRO A 261 12.57 -4.99 21.41
CA PRO A 261 12.00 -5.80 22.49
C PRO A 261 11.43 -4.98 23.67
N THR A 262 12.04 -3.83 23.96
CA THR A 262 11.60 -2.97 25.04
C THR A 262 10.25 -2.26 24.81
N PHE A 263 9.64 -2.48 23.66
CA PHE A 263 8.22 -2.20 23.49
C PHE A 263 7.45 -2.86 24.65
N ALA A 264 7.91 -4.01 25.14
CA ALA A 264 7.30 -4.64 26.30
C ALA A 264 7.21 -3.71 27.54
N LYS A 265 8.20 -2.84 27.75
CA LYS A 265 8.18 -1.89 28.87
C LYS A 265 7.08 -0.87 28.70
N ILE A 266 6.83 -0.49 27.44
CA ILE A 266 5.74 0.43 27.17
C ILE A 266 4.38 -0.24 27.43
N ILE A 267 4.23 -1.49 26.99
CA ILE A 267 3.03 -2.23 27.35
C ILE A 267 2.86 -2.29 28.89
N GLU A 268 3.95 -2.53 29.60
CA GLU A 268 3.88 -2.69 31.07
C GLU A 268 3.45 -1.38 31.74
N SER A 269 3.81 -0.24 31.15
CA SER A 269 3.40 1.04 31.73
C SER A 269 1.89 1.24 31.78
N ALA A 270 1.17 0.54 30.89
CA ALA A 270 -0.25 0.70 30.72
C ALA A 270 -1.07 -0.27 31.55
N GLN A 271 -0.39 -1.00 32.45
CA GLN A 271 -1.02 -2.01 33.30
C GLN A 271 -1.89 -1.42 34.41
N SER B 23 15.96 -11.31 -30.97
CA SER B 23 14.51 -10.93 -30.86
C SER B 23 14.05 -10.91 -29.41
N ARG B 24 13.07 -10.07 -29.15
CA ARG B 24 12.73 -9.76 -27.76
C ARG B 24 12.01 -10.93 -27.14
N LYS B 25 12.35 -11.19 -25.90
CA LYS B 25 11.64 -12.20 -25.12
C LYS B 25 10.32 -11.61 -24.71
N TYR B 26 9.24 -12.30 -24.99
CA TYR B 26 7.94 -11.80 -24.59
C TYR B 26 7.72 -11.78 -23.05
N PHE B 27 6.75 -10.98 -22.62
CA PHE B 27 6.51 -10.73 -21.19
C PHE B 27 5.00 -10.78 -20.99
N VAL B 28 4.53 -11.74 -20.18
CA VAL B 28 3.10 -11.83 -19.84
C VAL B 28 2.94 -11.62 -18.33
N GLY B 29 2.27 -10.52 -17.97
CA GLY B 29 2.02 -10.18 -16.58
C GLY B 29 0.54 -10.27 -16.26
N GLY B 30 0.26 -10.69 -15.03
CA GLY B 30 -1.12 -10.81 -14.55
C GLY B 30 -1.31 -9.94 -13.33
N ASN B 31 -1.93 -8.80 -13.53
CA ASN B 31 -2.22 -7.85 -12.45
C ASN B 31 -3.51 -8.21 -11.72
N PHE B 32 -3.40 -8.72 -10.48
CA PHE B 32 -4.57 -9.13 -9.71
C PHE B 32 -5.37 -7.95 -9.20
N LYS B 33 -4.75 -6.78 -9.21
CA LYS B 33 -5.33 -5.57 -8.65
C LYS B 33 -5.74 -5.82 -7.20
N CYS B 34 -6.81 -5.16 -6.75
CA CYS B 34 -7.24 -5.34 -5.38
C CYS B 34 -8.30 -6.45 -5.32
N ASN B 35 -7.83 -7.68 -5.49
CA ASN B 35 -8.69 -8.87 -5.49
C ASN B 35 -7.92 -10.02 -4.92
N GLY B 36 -8.64 -10.96 -4.32
CA GLY B 36 -8.09 -12.21 -3.81
C GLY B 36 -8.45 -12.48 -2.38
N THR B 37 -8.65 -13.76 -2.07
CA THR B 37 -8.73 -14.26 -0.68
C THR B 37 -7.76 -15.42 -0.56
N LYS B 38 -7.47 -15.84 0.67
CA LYS B 38 -6.58 -16.98 0.89
C LYS B 38 -7.08 -18.19 0.10
N GLU B 39 -8.38 -18.46 0.18
CA GLU B 39 -8.95 -19.65 -0.48
C GLU B 39 -8.96 -19.52 -1.99
N SER B 40 -9.32 -18.34 -2.50
CA SER B 40 -9.40 -18.17 -3.95
C SER B 40 -8.01 -18.22 -4.58
N LEU B 41 -7.04 -17.64 -3.91
CA LEU B 41 -5.68 -17.65 -4.42
C LEU B 41 -5.06 -19.05 -4.34
N LYS B 42 -5.37 -19.80 -3.30
CA LYS B 42 -4.90 -21.19 -3.18
C LYS B 42 -5.34 -21.99 -4.40
N THR B 43 -6.62 -21.88 -4.74
CA THR B 43 -7.19 -22.57 -5.90
C THR B 43 -6.53 -22.11 -7.21
N LEU B 44 -6.34 -20.81 -7.35
CA LEU B 44 -5.76 -20.27 -8.56
C LEU B 44 -4.31 -20.73 -8.75
N ILE B 45 -3.51 -20.62 -7.70
CA ILE B 45 -2.10 -20.96 -7.81
C ILE B 45 -1.93 -22.46 -8.03
N ASP B 46 -2.81 -23.27 -7.46
CA ASP B 46 -2.80 -24.72 -7.75
C ASP B 46 -2.95 -24.97 -9.27
N SER B 47 -3.75 -24.15 -9.94
CA SER B 47 -3.88 -24.26 -11.40
C SER B 47 -2.61 -23.77 -12.09
N PHE B 48 -2.13 -22.59 -11.71
CA PHE B 48 -0.93 -22.04 -12.31
C PHE B 48 0.30 -22.96 -12.22
N LYS B 49 0.43 -23.70 -11.11
CA LYS B 49 1.48 -24.73 -10.97
C LYS B 49 1.44 -25.84 -12.02
N GLN B 50 0.29 -26.05 -12.68
CA GLN B 50 0.17 -27.04 -13.74
C GLN B 50 0.81 -26.58 -15.05
N VAL B 51 1.09 -25.27 -15.18
CA VAL B 51 1.71 -24.77 -16.41
C VAL B 51 3.16 -25.23 -16.48
N GLU B 52 3.45 -26.07 -17.49
CA GLU B 52 4.71 -26.80 -17.50
C GLU B 52 5.92 -26.02 -17.98
N SER B 53 5.73 -25.14 -18.97
CA SER B 53 6.83 -24.37 -19.52
C SER B 53 6.35 -23.13 -20.26
N SER B 54 7.27 -22.21 -20.47
CA SER B 54 7.01 -21.01 -21.23
C SER B 54 8.32 -20.44 -21.74
N ASN B 55 8.28 -20.01 -23.00
CA ASN B 55 9.31 -19.21 -23.67
C ASN B 55 9.28 -17.71 -23.28
N SER B 56 8.26 -17.31 -22.52
CA SER B 56 8.01 -15.92 -22.14
CA SER B 56 8.03 -15.91 -22.17
C SER B 56 8.34 -15.74 -20.69
N GLU B 57 8.65 -14.53 -20.27
CA GLU B 57 8.64 -14.21 -18.85
C GLU B 57 7.18 -14.20 -18.42
N VAL B 58 6.91 -14.70 -17.22
CA VAL B 58 5.57 -14.75 -16.66
C VAL B 58 5.61 -14.23 -15.22
N TYR B 59 4.87 -13.15 -15.01
CA TYR B 59 4.69 -12.61 -13.67
C TYR B 59 3.22 -12.54 -13.28
N VAL B 60 2.94 -12.76 -11.99
CA VAL B 60 1.66 -12.38 -11.39
C VAL B 60 1.94 -11.34 -10.30
N PHE B 61 1.03 -10.38 -10.16
CA PHE B 61 1.20 -9.22 -9.27
C PHE B 61 0.07 -9.26 -8.25
N PRO B 62 0.26 -9.98 -7.15
CA PRO B 62 -0.77 -10.00 -6.11
C PRO B 62 -0.73 -8.70 -5.34
N THR B 63 -1.68 -8.50 -4.44
CA THR B 63 -1.57 -7.39 -3.49
C THR B 63 -0.39 -7.63 -2.57
N SER B 64 0.10 -6.57 -1.96
CA SER B 64 1.19 -6.71 -0.97
C SER B 64 0.82 -7.63 0.17
N LEU B 65 -0.45 -7.62 0.57
CA LEU B 65 -0.96 -8.47 1.65
C LEU B 65 -0.81 -9.97 1.31
N HIS B 66 -0.80 -10.27 0.02
CA HIS B 66 -0.83 -11.65 -0.48
C HIS B 66 0.46 -12.23 -1.04
N ILE B 67 1.49 -11.40 -1.21
CA ILE B 67 2.74 -11.85 -1.82
C ILE B 67 3.33 -13.06 -1.12
N SER B 68 3.50 -12.99 0.20
CA SER B 68 4.12 -14.12 0.92
CA SER B 68 4.09 -14.11 0.97
C SER B 68 3.27 -15.39 0.83
N LEU B 69 1.95 -15.27 0.92
CA LEU B 69 1.05 -16.46 0.77
C LEU B 69 1.13 -17.03 -0.64
N VAL B 70 1.15 -16.17 -1.66
CA VAL B 70 1.27 -16.66 -3.03
C VAL B 70 2.58 -17.42 -3.23
N LYS B 71 3.68 -16.90 -2.67
CA LYS B 71 4.95 -17.64 -2.68
C LYS B 71 4.83 -19.00 -2.00
N GLU B 72 4.14 -19.04 -0.86
CA GLU B 72 3.92 -20.29 -0.15
C GLU B 72 3.18 -21.30 -1.02
N PHE B 73 2.12 -20.81 -1.68
CA PHE B 73 1.27 -21.68 -2.49
C PHE B 73 2.02 -22.27 -3.68
N PHE B 74 2.91 -21.49 -4.31
CA PHE B 74 3.76 -22.01 -5.39
C PHE B 74 4.74 -23.06 -4.83
N GLY B 75 5.26 -22.78 -3.64
CA GLY B 75 6.20 -23.68 -2.99
C GLY B 75 7.55 -23.70 -3.69
N ASN B 76 8.32 -24.76 -3.43
CA ASN B 76 9.71 -24.81 -3.91
C ASN B 76 9.99 -25.95 -4.87
N ASP B 77 8.96 -26.52 -5.47
CA ASP B 77 9.15 -27.53 -6.50
C ASP B 77 8.16 -27.41 -7.65
N HIS B 78 7.97 -26.18 -8.14
CA HIS B 78 7.06 -25.94 -9.25
C HIS B 78 7.89 -25.77 -10.52
N PRO B 79 7.24 -25.67 -11.69
CA PRO B 79 7.97 -25.63 -12.97
C PRO B 79 8.91 -24.44 -13.23
N GLY B 80 8.83 -23.40 -12.42
CA GLY B 80 9.65 -22.21 -12.61
C GLY B 80 9.19 -21.34 -13.78
N VAL B 81 7.91 -21.39 -14.11
CA VAL B 81 7.34 -20.55 -15.16
C VAL B 81 6.98 -19.18 -14.57
N PHE B 82 6.32 -19.20 -13.42
CA PHE B 82 5.80 -17.98 -12.80
C PHE B 82 6.80 -17.33 -11.82
N LYS B 83 6.89 -16.00 -11.89
CA LYS B 83 7.50 -15.18 -10.85
C LYS B 83 6.44 -14.19 -10.31
N ILE B 84 6.78 -13.62 -9.15
CA ILE B 84 5.89 -12.72 -8.42
CA ILE B 84 5.91 -12.72 -8.40
C ILE B 84 6.44 -11.30 -8.47
N GLY B 85 5.55 -10.35 -8.75
CA GLY B 85 5.87 -8.94 -8.77
C GLY B 85 4.94 -8.17 -7.86
N SER B 86 5.30 -6.93 -7.58
CA SER B 86 4.50 -6.02 -6.80
CA SER B 86 4.43 -6.06 -6.80
C SER B 86 3.68 -5.09 -7.69
N GLN B 87 2.55 -4.63 -7.16
CA GLN B 87 1.71 -3.67 -7.88
C GLN B 87 2.15 -2.22 -7.77
N ASN B 88 3.08 -1.95 -6.83
CA ASN B 88 3.52 -0.59 -6.53
C ASN B 88 4.79 -0.70 -5.68
N ILE B 89 5.58 0.37 -5.71
CA ILE B 89 6.73 0.53 -4.80
C ILE B 89 6.71 1.92 -4.22
N SER B 90 7.20 2.04 -2.99
CA SER B 90 7.40 3.36 -2.41
C SER B 90 8.41 4.19 -3.21
N CYS B 91 8.25 5.50 -3.17
CA CYS B 91 9.24 6.48 -3.67
CA CYS B 91 9.32 6.33 -3.77
C CYS B 91 10.51 6.53 -2.82
N THR B 92 10.40 6.08 -1.57
CA THR B 92 11.49 6.18 -0.59
C THR B 92 11.91 4.79 -0.12
N GLY B 93 13.06 4.71 0.54
CA GLY B 93 13.46 3.48 1.23
C GLY B 93 12.77 3.37 2.59
N ASN B 94 13.32 2.53 3.45
CA ASN B 94 12.68 2.29 4.74
C ASN B 94 12.70 3.54 5.62
N GLY B 95 11.74 3.62 6.54
CA GLY B 95 11.66 4.70 7.47
C GLY B 95 10.23 5.07 7.75
N ALA B 96 10.02 6.36 8.05
CA ALA B 96 8.74 6.83 8.59
C ALA B 96 7.79 7.17 7.43
N PHE B 97 7.33 6.10 6.79
CA PHE B 97 6.45 6.16 5.62
C PHE B 97 5.28 5.20 5.82
N THR B 98 4.42 5.56 6.78
CA THR B 98 3.30 4.70 7.18
C THR B 98 2.48 4.34 5.94
N GLY B 99 2.18 3.06 5.84
CA GLY B 99 1.43 2.53 4.71
C GLY B 99 2.18 2.10 3.47
N GLU B 100 3.49 2.37 3.41
CA GLU B 100 4.24 2.15 2.18
C GLU B 100 5.10 0.91 2.36
N VAL B 101 5.48 0.35 1.22
CA VAL B 101 6.37 -0.83 1.15
C VAL B 101 7.49 -0.46 0.18
N SER B 102 8.72 -0.68 0.61
CA SER B 102 9.92 -0.24 -0.11
C SER B 102 10.49 -1.33 -1.04
N CYS B 103 11.32 -0.88 -1.98
CA CYS B 103 12.09 -1.82 -2.81
C CYS B 103 12.93 -2.76 -1.98
N GLU B 104 13.57 -2.22 -0.94
CA GLU B 104 14.44 -3.06 -0.13
CA GLU B 104 14.42 -2.99 -0.09
C GLU B 104 13.65 -4.16 0.57
N MET B 105 12.42 -3.86 0.97
CA MET B 105 11.55 -4.84 1.60
C MET B 105 11.17 -5.95 0.62
N LEU B 106 10.88 -5.54 -0.61
CA LEU B 106 10.53 -6.48 -1.67
C LEU B 106 11.71 -7.40 -1.97
N LYS B 107 12.92 -6.84 -2.07
CA LYS B 107 14.11 -7.67 -2.32
CA LYS B 107 14.11 -7.67 -2.32
C LYS B 107 14.29 -8.71 -1.20
N ASP B 108 14.06 -8.29 0.04
CA ASP B 108 14.15 -9.21 1.20
C ASP B 108 13.17 -10.41 1.10
N MET B 109 12.05 -10.15 0.44
CA MET B 109 11.04 -11.17 0.20
CA MET B 109 10.98 -11.10 0.16
C MET B 109 11.22 -11.85 -1.16
N ASP B 110 12.35 -11.61 -1.82
CA ASP B 110 12.69 -12.25 -3.09
C ASP B 110 11.68 -11.88 -4.17
N VAL B 111 11.24 -10.63 -4.18
CA VAL B 111 10.43 -10.13 -5.28
C VAL B 111 11.33 -9.17 -6.10
N ASP B 112 11.38 -9.37 -7.42
CA ASP B 112 12.35 -8.64 -8.26
C ASP B 112 11.75 -7.76 -9.35
N CYS B 113 10.46 -7.43 -9.18
CA CYS B 113 9.72 -6.72 -10.21
C CYS B 113 8.57 -5.95 -9.61
N SER B 114 8.30 -4.76 -10.13
CA SER B 114 7.11 -4.01 -9.77
C SER B 114 6.51 -3.28 -10.93
N LEU B 115 5.19 -3.15 -10.89
CA LEU B 115 4.48 -2.10 -11.63
C LEU B 115 4.79 -0.71 -11.06
N VAL B 116 4.88 0.27 -11.97
CA VAL B 116 4.93 1.68 -11.61
C VAL B 116 4.04 2.49 -12.56
N GLY B 117 3.28 3.41 -11.99
CA GLY B 117 2.48 4.33 -12.77
C GLY B 117 1.24 3.76 -13.39
N HIS B 118 0.73 2.66 -12.85
CA HIS B 118 -0.55 2.13 -13.32
C HIS B 118 -1.61 3.24 -13.37
N SER B 119 -2.45 3.18 -14.40
CA SER B 119 -3.47 4.17 -14.66
C SER B 119 -4.32 4.44 -13.41
N GLU B 120 -4.62 3.41 -12.64
CA GLU B 120 -5.47 3.57 -11.46
C GLU B 120 -4.79 4.42 -10.38
N ARG B 121 -3.48 4.29 -10.25
CA ARG B 121 -2.75 5.08 -9.27
C ARG B 121 -2.57 6.51 -9.72
N ARG B 122 -2.37 6.70 -11.03
CA ARG B 122 -2.34 8.06 -11.60
C ARG B 122 -3.69 8.78 -11.41
N GLN B 123 -4.77 8.06 -11.68
CA GLN B 123 -6.14 8.56 -11.62
C GLN B 123 -6.66 8.79 -10.22
N TYR B 124 -6.39 7.85 -9.30
CA TYR B 124 -7.00 7.85 -7.98
C TYR B 124 -6.12 8.33 -6.85
N TYR B 125 -4.78 8.10 -6.94
CA TYR B 125 -3.89 8.28 -5.77
C TYR B 125 -2.80 9.34 -6.09
N SER B 126 -3.12 10.23 -7.03
CA SER B 126 -2.34 11.44 -7.26
C SER B 126 -0.89 11.17 -7.72
N GLU B 127 -0.67 10.03 -8.39
CA GLU B 127 0.66 9.76 -8.95
C GLU B 127 0.89 10.55 -10.24
N THR B 128 1.72 11.59 -10.14
CA THR B 128 2.04 12.46 -11.27
C THR B 128 3.19 11.85 -12.06
N ASP B 129 3.47 12.44 -13.22
CA ASP B 129 4.61 11.99 -14.03
C ASP B 129 5.90 12.07 -13.21
N GLN B 130 5.99 13.04 -12.34
CA GLN B 130 7.23 13.25 -11.58
C GLN B 130 7.39 12.19 -10.48
N ILE B 131 6.29 11.84 -9.83
CA ILE B 131 6.29 10.72 -8.87
C ILE B 131 6.65 9.43 -9.59
N VAL B 132 6.07 9.22 -10.78
CA VAL B 132 6.38 8.03 -11.59
C VAL B 132 7.90 7.97 -11.92
N ASN B 133 8.49 9.10 -12.32
CA ASN B 133 9.95 9.17 -12.59
C ASN B 133 10.71 8.71 -11.36
N ASN B 134 10.33 9.27 -10.21
CA ASN B 134 10.98 8.95 -8.93
CA ASN B 134 11.00 8.96 -8.97
C ASN B 134 10.93 7.45 -8.67
N LYS B 135 9.77 6.86 -8.91
CA LYS B 135 9.61 5.43 -8.68
C LYS B 135 10.39 4.56 -9.66
N VAL B 136 10.39 4.92 -10.94
CA VAL B 136 11.18 4.20 -11.94
C VAL B 136 12.66 4.21 -11.52
N LYS B 137 13.17 5.39 -11.17
CA LYS B 137 14.58 5.51 -10.77
C LYS B 137 14.88 4.68 -9.52
N LYS B 138 14.00 4.73 -8.53
CA LYS B 138 14.21 4.04 -7.28
C LYS B 138 14.18 2.53 -7.54
N GLY B 139 13.22 2.06 -8.33
CA GLY B 139 13.14 0.64 -8.64
C GLY B 139 14.37 0.14 -9.37
N LEU B 140 14.75 0.84 -10.43
CA LEU B 140 15.84 0.40 -11.25
C LEU B 140 17.15 0.39 -10.42
N GLU B 141 17.33 1.43 -9.59
CA GLU B 141 18.53 1.57 -8.75
C GLU B 141 18.68 0.40 -7.75
N ASN B 142 17.54 -0.13 -7.32
CA ASN B 142 17.51 -1.28 -6.44
C ASN B 142 17.49 -2.61 -7.16
N GLY B 143 17.71 -2.63 -8.47
CA GLY B 143 17.81 -3.89 -9.18
C GLY B 143 16.50 -4.53 -9.60
N LEU B 144 15.38 -3.85 -9.39
CA LEU B 144 14.08 -4.38 -9.79
C LEU B 144 13.81 -4.14 -11.27
N LYS B 145 13.13 -5.11 -11.88
CA LYS B 145 12.51 -4.95 -13.18
C LYS B 145 11.27 -4.10 -12.98
N ILE B 146 11.16 -3.01 -13.75
CA ILE B 146 10.04 -2.07 -13.60
C ILE B 146 9.16 -2.09 -14.84
N VAL B 147 7.86 -2.34 -14.62
CA VAL B 147 6.86 -2.25 -15.67
C VAL B 147 6.24 -0.87 -15.53
N LEU B 148 6.73 0.04 -16.37
CA LEU B 148 6.23 1.43 -16.44
C LEU B 148 4.97 1.48 -17.30
N CYS B 149 3.88 2.00 -16.71
CA CYS B 149 2.58 2.09 -17.36
C CYS B 149 2.37 3.52 -17.84
N ILE B 150 1.89 3.65 -19.08
CA ILE B 150 1.51 4.89 -19.69
C ILE B 150 0.25 4.70 -20.48
N GLY B 151 -0.38 5.79 -20.90
CA GLY B 151 -1.56 5.71 -21.77
C GLY B 151 -2.41 6.95 -21.65
N GLU B 152 -3.25 7.19 -22.67
CA GLU B 152 -4.02 8.40 -22.76
C GLU B 152 -5.51 8.13 -22.50
N SER B 153 -6.20 9.16 -22.00
CA SER B 153 -7.63 9.09 -21.72
C SER B 153 -8.47 9.22 -22.98
N LEU B 154 -9.78 8.99 -22.84
CA LEU B 154 -10.69 9.15 -23.98
C LEU B 154 -10.70 10.59 -24.47
N SER B 155 -10.72 11.57 -23.57
CA SER B 155 -10.72 12.97 -24.02
CA SER B 155 -10.71 12.97 -24.02
C SER B 155 -9.43 13.32 -24.78
N GLU B 156 -8.31 12.82 -24.28
CA GLU B 156 -7.02 13.00 -24.94
C GLU B 156 -7.01 12.38 -26.33
N ARG B 157 -7.48 11.15 -26.44
CA ARG B 157 -7.54 10.54 -27.76
C ARG B 157 -8.47 11.29 -28.74
N GLU B 158 -9.66 11.63 -28.28
CA GLU B 158 -10.65 12.26 -29.14
C GLU B 158 -10.27 13.67 -29.60
N THR B 159 -9.44 14.36 -28.82
CA THR B 159 -8.94 15.70 -29.17
C THR B 159 -7.60 15.68 -29.93
N GLY B 160 -7.14 14.49 -30.32
CA GLY B 160 -5.94 14.36 -31.16
C GLY B 160 -4.63 14.39 -30.39
N LYS B 161 -4.69 14.21 -29.07
CA LYS B 161 -3.51 14.38 -28.18
C LYS B 161 -2.79 13.06 -27.78
N THR B 162 -3.14 11.94 -28.40
CA THR B 162 -2.51 10.66 -28.07
C THR B 162 -0.97 10.76 -28.08
N ASN B 163 -0.43 11.25 -29.18
CA ASN B 163 1.02 11.31 -29.34
C ASN B 163 1.68 12.32 -28.39
N ASP B 164 1.09 13.50 -28.26
CA ASP B 164 1.54 14.48 -27.27
C ASP B 164 1.60 13.89 -25.86
N VAL B 165 0.55 13.15 -25.47
CA VAL B 165 0.47 12.57 -24.14
C VAL B 165 1.53 11.48 -23.96
N ILE B 166 1.67 10.59 -24.93
CA ILE B 166 2.70 9.54 -24.87
C ILE B 166 4.10 10.15 -24.78
N GLN B 167 4.38 11.18 -25.59
CA GLN B 167 5.68 11.82 -25.54
C GLN B 167 5.99 12.44 -24.18
N LYS B 168 5.01 13.16 -23.64
CA LYS B 168 5.12 13.76 -22.30
CA LYS B 168 5.14 13.78 -22.32
C LYS B 168 5.39 12.70 -21.25
N GLN B 169 4.59 11.64 -21.26
CA GLN B 169 4.69 10.63 -20.24
C GLN B 169 6.02 9.92 -20.27
N LEU B 170 6.51 9.64 -21.47
CA LEU B 170 7.82 9.00 -21.63
C LEU B 170 8.96 9.94 -21.22
N THR B 171 8.87 11.19 -21.66
CA THR B 171 9.92 12.17 -21.38
C THR B 171 10.06 12.34 -19.86
N GLU B 172 8.95 12.45 -19.16
CA GLU B 172 8.97 12.66 -17.73
C GLU B 172 9.32 11.38 -16.96
N ALA B 173 8.72 10.25 -17.34
CA ALA B 173 8.94 9.02 -16.58
C ALA B 173 10.38 8.53 -16.69
N LEU B 174 11.02 8.75 -17.85
CA LEU B 174 12.35 8.27 -18.11
C LEU B 174 13.42 9.36 -17.98
N LYS B 175 13.08 10.49 -17.33
CA LYS B 175 14.03 11.56 -17.14
C LYS B 175 15.20 11.06 -16.30
N ASP B 176 16.42 11.18 -16.85
CA ASP B 176 17.65 10.71 -16.22
C ASP B 176 17.73 9.20 -16.01
N VAL B 177 16.95 8.46 -16.80
CA VAL B 177 17.00 7.01 -16.82
C VAL B 177 17.86 6.55 -17.98
N SER B 178 19.08 6.11 -17.69
CA SER B 178 20.07 5.89 -18.76
C SER B 178 20.01 4.47 -19.37
N ASP B 179 19.60 3.48 -18.54
CA ASP B 179 19.71 2.04 -18.85
C ASP B 179 18.29 1.46 -18.82
N LEU B 180 17.82 0.96 -19.96
CA LEU B 180 16.44 0.38 -20.05
C LEU B 180 16.47 -1.15 -20.01
N SER B 181 17.60 -1.74 -19.67
CA SER B 181 17.67 -3.21 -19.65
C SER B 181 16.67 -3.89 -18.70
N ASN B 182 16.35 -3.24 -17.57
CA ASN B 182 15.38 -3.76 -16.58
C ASN B 182 14.01 -3.06 -16.65
N LEU B 183 13.75 -2.34 -17.74
CA LEU B 183 12.45 -1.69 -17.96
C LEU B 183 11.59 -2.50 -18.92
N VAL B 184 10.28 -2.45 -18.70
CA VAL B 184 9.26 -2.88 -19.66
C VAL B 184 8.23 -1.76 -19.67
N ILE B 185 7.65 -1.45 -20.82
CA ILE B 185 6.59 -0.45 -20.88
C ILE B 185 5.29 -1.13 -21.16
N ALA B 186 4.26 -0.79 -20.39
CA ALA B 186 2.93 -1.26 -20.68
C ALA B 186 2.07 -0.09 -21.17
N TYR B 187 1.46 -0.27 -22.33
CA TYR B 187 0.55 0.71 -22.92
C TYR B 187 -0.87 0.38 -22.46
N GLU B 188 -1.48 1.30 -21.74
CA GLU B 188 -2.86 1.15 -21.29
C GLU B 188 -3.73 2.09 -22.08
N PRO B 189 -4.61 1.54 -22.97
CA PRO B 189 -5.54 2.36 -23.69
C PRO B 189 -6.67 2.75 -22.76
N ILE B 190 -6.41 3.74 -21.91
CA ILE B 190 -7.38 4.17 -20.90
C ILE B 190 -8.71 4.57 -21.54
N TRP B 191 -8.61 5.20 -22.71
CA TRP B 191 -9.75 5.57 -23.54
C TRP B 191 -10.69 4.45 -23.89
N ALA B 192 -10.18 3.22 -23.80
CA ALA B 192 -10.90 2.00 -24.18
C ALA B 192 -11.18 1.09 -23.00
N ILE B 193 -11.10 1.64 -21.78
CA ILE B 193 -11.31 0.85 -20.56
C ILE B 193 -12.45 1.52 -19.78
N GLY B 194 -13.61 0.88 -19.77
CA GLY B 194 -14.73 1.40 -18.98
C GLY B 194 -15.48 2.54 -19.63
N THR B 195 -15.19 2.82 -20.90
CA THR B 195 -15.80 3.97 -21.59
C THR B 195 -16.86 3.57 -22.61
N GLY B 196 -16.97 2.25 -22.87
CA GLY B 196 -17.82 1.76 -23.96
C GLY B 196 -17.14 1.83 -25.33
N VAL B 197 -15.96 2.43 -25.39
CA VAL B 197 -15.17 2.48 -26.60
C VAL B 197 -14.18 1.29 -26.55
N VAL B 198 -13.93 0.69 -27.70
CA VAL B 198 -13.18 -0.58 -27.81
C VAL B 198 -11.99 -0.38 -28.73
N ALA B 199 -10.83 -0.84 -28.28
CA ALA B 199 -9.59 -0.77 -29.06
C ALA B 199 -9.45 -2.02 -29.94
N THR B 200 -9.15 -1.81 -31.21
CA THR B 200 -8.83 -2.89 -32.11
C THR B 200 -7.36 -3.25 -31.99
N PRO B 201 -7.00 -4.47 -32.41
CA PRO B 201 -5.58 -4.78 -32.41
C PRO B 201 -4.76 -3.83 -33.28
N GLY B 202 -5.31 -3.36 -34.38
CA GLY B 202 -4.63 -2.37 -35.21
C GLY B 202 -4.30 -1.05 -34.51
N GLN B 203 -5.26 -0.57 -33.74
CA GLN B 203 -5.08 0.60 -32.92
C GLN B 203 -4.03 0.38 -31.84
N ALA B 204 -4.01 -0.80 -31.23
CA ALA B 204 -2.99 -1.14 -30.23
C ALA B 204 -1.62 -1.13 -30.87
N GLN B 205 -1.51 -1.83 -32.00
CA GLN B 205 -0.26 -1.87 -32.78
C GLN B 205 0.23 -0.46 -33.12
N GLU B 206 -0.66 0.41 -33.58
CA GLU B 206 -0.30 1.77 -33.93
C GLU B 206 0.27 2.54 -32.73
N ALA B 207 -0.35 2.41 -31.57
CA ALA B 207 0.16 3.02 -30.35
C ALA B 207 1.52 2.44 -29.93
N HIS B 208 1.66 1.11 -29.99
CA HIS B 208 2.95 0.45 -29.66
C HIS B 208 4.07 0.89 -30.58
N ALA B 209 3.78 0.96 -31.89
CA ALA B 209 4.77 1.44 -32.87
C ALA B 209 5.21 2.88 -32.58
N PHE B 210 4.25 3.73 -32.24
CA PHE B 210 4.61 5.11 -31.89
C PHE B 210 5.48 5.18 -30.66
N ILE B 211 5.15 4.40 -29.64
CA ILE B 211 5.94 4.36 -28.42
C ILE B 211 7.39 3.97 -28.76
N ARG B 212 7.55 2.90 -29.52
CA ARG B 212 8.88 2.44 -29.88
C ARG B 212 9.64 3.51 -30.67
N GLU B 213 8.94 4.15 -31.59
CA GLU B 213 9.51 5.25 -32.39
C GLU B 213 9.98 6.41 -31.51
N TYR B 214 9.21 6.77 -30.50
CA TYR B 214 9.67 7.82 -29.62
C TYR B 214 10.84 7.41 -28.73
N VAL B 215 10.83 6.17 -28.23
CA VAL B 215 11.99 5.64 -27.51
C VAL B 215 13.26 5.70 -28.39
N THR B 216 13.13 5.40 -29.68
CA THR B 216 14.27 5.55 -30.62
C THR B 216 14.83 6.98 -30.55
N ARG B 217 13.93 7.97 -30.60
CA ARG B 217 14.36 9.38 -30.54
C ARG B 217 14.99 9.75 -29.21
N MET B 218 14.43 9.25 -28.12
CA MET B 218 14.92 9.57 -26.77
C MET B 218 16.26 8.86 -26.48
N TYR B 219 16.41 7.67 -27.06
CA TYR B 219 17.58 6.82 -26.86
C TYR B 219 18.21 6.57 -28.25
N ASN B 220 17.99 5.39 -28.79
CA ASN B 220 18.54 5.02 -30.09
C ASN B 220 17.80 3.76 -30.57
N PRO B 221 17.99 3.37 -31.84
CA PRO B 221 17.28 2.19 -32.33
C PRO B 221 17.68 0.86 -31.71
N GLN B 222 18.91 0.74 -31.22
CA GLN B 222 19.32 -0.46 -30.49
C GLN B 222 18.45 -0.62 -29.24
N VAL B 223 18.38 0.44 -28.46
CA VAL B 223 17.65 0.42 -27.21
C VAL B 223 16.18 0.14 -27.48
N SER B 224 15.59 0.86 -28.43
CA SER B 224 14.14 0.66 -28.71
C SER B 224 13.83 -0.74 -29.26
N SER B 225 14.74 -1.31 -30.03
CA SER B 225 14.56 -2.67 -30.57
C SER B 225 14.64 -3.75 -29.50
N ASN B 226 15.24 -3.43 -28.36
CA ASN B 226 15.38 -4.39 -27.27
C ASN B 226 14.31 -4.22 -26.18
N LEU B 227 13.55 -3.14 -26.25
CA LEU B 227 12.58 -2.82 -25.20
C LEU B 227 11.26 -3.54 -25.41
N ARG B 228 10.83 -4.31 -24.42
CA ARG B 228 9.49 -4.91 -24.49
C ARG B 228 8.46 -3.84 -24.21
N ILE B 229 7.48 -3.79 -25.10
CA ILE B 229 6.30 -2.94 -24.94
C ILE B 229 5.10 -3.90 -24.95
N ILE B 230 4.44 -4.02 -23.80
CA ILE B 230 3.36 -4.98 -23.55
C ILE B 230 2.03 -4.21 -23.54
N TYR B 231 0.98 -4.88 -24.02
CA TYR B 231 -0.34 -4.27 -24.17
C TYR B 231 -1.14 -4.48 -22.88
N GLY B 232 -1.60 -3.37 -22.31
CA GLY B 232 -2.35 -3.37 -21.05
C GLY B 232 -3.82 -2.98 -21.17
N GLY B 233 -4.39 -3.13 -22.37
CA GLY B 233 -5.84 -3.08 -22.51
C GLY B 233 -6.50 -4.40 -22.17
N SER B 234 -7.72 -4.54 -22.65
CA SER B 234 -8.53 -5.74 -22.43
CA SER B 234 -8.50 -5.74 -22.39
C SER B 234 -7.91 -6.95 -23.11
N VAL B 235 -7.47 -7.93 -22.32
CA VAL B 235 -6.90 -9.17 -22.87
C VAL B 235 -7.60 -10.37 -22.24
N THR B 236 -8.12 -11.26 -23.09
CA THR B 236 -8.76 -12.49 -22.67
C THR B 236 -8.23 -13.63 -23.54
N PRO B 237 -8.62 -14.86 -23.20
CA PRO B 237 -8.24 -15.95 -24.11
C PRO B 237 -8.79 -15.79 -25.54
N ASP B 238 -9.80 -14.95 -25.74
CA ASP B 238 -10.42 -14.85 -27.01
C ASP B 238 -9.64 -13.92 -27.95
N ASN B 239 -8.85 -12.98 -27.43
CA ASN B 239 -8.15 -12.05 -28.32
C ASN B 239 -6.64 -12.05 -28.24
N CYS B 240 -6.08 -12.83 -27.34
CA CYS B 240 -4.63 -12.73 -27.08
C CYS B 240 -3.81 -13.20 -28.28
N ASN B 241 -4.28 -14.22 -28.98
CA ASN B 241 -3.51 -14.72 -30.12
C ASN B 241 -3.41 -13.70 -31.26
N GLU B 242 -4.49 -12.97 -31.53
CA GLU B 242 -4.42 -11.94 -32.53
C GLU B 242 -3.50 -10.78 -32.11
N LEU B 243 -3.64 -10.34 -30.87
CA LEU B 243 -2.83 -9.21 -30.41
C LEU B 243 -1.33 -9.50 -30.43
N ILE B 244 -0.91 -10.68 -29.98
CA ILE B 244 0.51 -10.95 -29.78
C ILE B 244 1.23 -10.98 -31.13
N LYS B 245 0.51 -11.32 -32.19
CA LYS B 245 1.14 -11.31 -33.54
C LYS B 245 1.56 -9.93 -34.03
N CYS B 246 0.92 -8.88 -33.51
CA CYS B 246 1.24 -7.51 -33.88
C CYS B 246 2.74 -7.22 -33.68
N ALA B 247 3.36 -6.54 -34.63
CA ALA B 247 4.82 -6.46 -34.70
C ALA B 247 5.43 -5.79 -33.46
N ASP B 248 4.71 -4.81 -32.89
CA ASP B 248 5.26 -4.06 -31.79
C ASP B 248 4.67 -4.39 -30.43
N ILE B 249 3.85 -5.43 -30.38
CA ILE B 249 3.27 -5.94 -29.15
C ILE B 249 4.04 -7.17 -28.65
N ASP B 250 4.67 -7.05 -27.47
CA ASP B 250 5.64 -8.01 -26.94
C ASP B 250 5.12 -8.78 -25.71
N GLY B 251 3.80 -8.81 -25.57
CA GLY B 251 3.17 -9.46 -24.43
C GLY B 251 2.09 -8.57 -23.87
N PHE B 252 1.77 -8.80 -22.59
CA PHE B 252 0.53 -8.31 -22.00
C PHE B 252 0.72 -7.95 -20.55
N LEU B 253 -0.04 -6.96 -20.10
CA LEU B 253 -0.30 -6.77 -18.71
C LEU B 253 -1.82 -6.97 -18.58
N VAL B 254 -2.19 -8.16 -18.14
CA VAL B 254 -3.59 -8.64 -18.09
C VAL B 254 -4.25 -8.24 -16.77
N GLY B 255 -5.49 -7.73 -16.86
CA GLY B 255 -6.31 -7.50 -15.66
C GLY B 255 -7.11 -8.73 -15.16
N GLY B 256 -8.44 -8.66 -15.26
CA GLY B 256 -9.30 -9.67 -14.60
C GLY B 256 -9.05 -11.10 -15.07
N ALA B 257 -8.63 -11.27 -16.32
CA ALA B 257 -8.37 -12.59 -16.89
C ALA B 257 -7.23 -13.32 -16.16
N SER B 258 -6.40 -12.54 -15.46
CA SER B 258 -5.30 -13.14 -14.71
C SER B 258 -5.73 -13.80 -13.38
N LEU B 259 -6.99 -13.61 -12.98
CA LEU B 259 -7.54 -14.23 -11.75
C LEU B 259 -8.31 -15.53 -12.07
N LYS B 260 -8.18 -16.03 -13.31
CA LYS B 260 -8.78 -17.29 -13.77
C LYS B 260 -7.74 -18.27 -14.27
N PRO B 261 -8.01 -19.58 -14.15
CA PRO B 261 -7.07 -20.57 -14.66
C PRO B 261 -6.68 -20.36 -16.14
N THR B 262 -7.62 -19.80 -16.90
CA THR B 262 -7.41 -19.60 -18.34
C THR B 262 -6.41 -18.48 -18.66
N PHE B 263 -5.90 -17.79 -17.65
CA PHE B 263 -4.66 -17.02 -17.81
C PHE B 263 -3.61 -17.90 -18.49
N ALA B 264 -3.61 -19.22 -18.23
CA ALA B 264 -2.70 -20.14 -18.92
C ALA B 264 -2.79 -20.03 -20.47
N LYS B 265 -3.99 -19.81 -21.00
CA LYS B 265 -4.17 -19.69 -22.47
C LYS B 265 -3.51 -18.43 -22.98
N ILE B 266 -3.54 -17.37 -22.20
CA ILE B 266 -2.85 -16.14 -22.56
C ILE B 266 -1.33 -16.34 -22.55
N ILE B 267 -0.82 -17.02 -21.53
CA ILE B 267 0.62 -17.36 -21.53
C ILE B 267 0.94 -18.16 -22.83
N GLU B 268 0.08 -19.11 -23.17
CA GLU B 268 0.31 -19.98 -24.33
C GLU B 268 0.34 -19.19 -25.64
N SER B 269 -0.43 -18.11 -25.72
CA SER B 269 -0.41 -17.32 -26.97
C SER B 269 0.93 -16.67 -27.24
N ALA B 270 1.75 -16.52 -26.19
CA ALA B 270 3.03 -15.81 -26.28
C ALA B 270 4.20 -16.74 -26.53
N GLN B 271 3.91 -18.01 -26.81
CA GLN B 271 4.93 -19.01 -27.07
C GLN B 271 5.65 -18.84 -28.40
NA NA C . -4.21 7.97 31.66
UNK UNX D . 9.04 7.94 16.86
UNK UNX E . 9.72 6.92 15.87
UNK UNX F . 8.91 9.40 16.47
UNK UNX G . 9.37 7.93 18.32
UNK UNX H . 7.62 7.75 17.04
UNK UNX I . 9.46 6.89 13.28
NA NA J . 4.40 -9.30 -31.36
UNK UNX K . -9.42 -5.87 -17.57
UNK UNX L . -9.83 -6.30 -16.09
UNK UNX M . -9.92 -4.40 -17.90
UNK UNX N . -9.43 -6.79 -18.67
UNK UNX O . -7.99 -5.44 -17.70
UNK UNX P . -9.88 -4.96 -13.99
#